data_6UIO
#
_entry.id   6UIO
#
_cell.length_a   51.048
_cell.length_b   85.924
_cell.length_c   111.677
_cell.angle_alpha   90.000
_cell.angle_beta   90.000
_cell.angle_gamma   90.000
#
_symmetry.space_group_name_H-M   'P 21 21 21'
#
loop_
_entity.id
_entity.type
_entity.pdbx_description
1 polymer Cystatin-8
2 non-polymer 'IODIDE ION'
3 non-polymer 'SULFATE ION'
4 non-polymer 'molecular iodine'
5 non-polymer 'CHLORIDE ION'
6 non-polymer '2-(N-MORPHOLINO)-ETHANESULFONIC ACID'
7 non-polymer 'SODIUM ION'
8 water water
#
_entity_poly.entity_id   1
_entity_poly.type   'polypeptide(L)'
_entity_poly.pdbx_seq_one_letter_code
;AQNYFGSINISNANVKQAVWFAMKEYNKESEDKYVFLVDKILHAKLQITDRMEYQIDVQISRSNCKKPLNNTENCIPQKK
PELEKKMSCSFLVGALPWNGEFNLLSKECKDV
;
_entity_poly.pdbx_strand_id   A,B,C,D
#
# COMPACT_ATOMS: atom_id res chain seq x y z
N ALA A 1 -24.96 -46.32 -7.49
CA ALA A 1 -26.13 -46.82 -8.26
C ALA A 1 -26.03 -46.32 -9.71
N GLN A 2 -26.90 -46.79 -10.60
CA GLN A 2 -26.76 -46.55 -12.06
C GLN A 2 -27.15 -45.10 -12.39
N ASN A 3 -26.43 -44.49 -13.30
CA ASN A 3 -26.82 -43.18 -13.86
C ASN A 3 -26.30 -43.11 -15.29
N TYR A 4 -26.47 -41.97 -15.93
CA TYR A 4 -26.13 -41.79 -17.37
C TYR A 4 -24.95 -40.83 -17.48
N PHE A 5 -24.19 -40.66 -16.39
CA PHE A 5 -22.94 -39.84 -16.40
C PHE A 5 -21.78 -40.78 -16.70
N GLY A 6 -20.90 -40.40 -17.61
CA GLY A 6 -19.66 -41.15 -17.92
C GLY A 6 -18.45 -40.25 -17.73
N SER A 7 -17.33 -40.78 -17.23
CA SER A 7 -16.08 -39.99 -17.11
C SER A 7 -15.66 -39.54 -18.52
N ILE A 8 -15.10 -38.34 -18.62
CA ILE A 8 -14.67 -37.66 -19.88
C ILE A 8 -13.27 -37.09 -19.61
N ASN A 9 -12.40 -37.07 -20.59
CA ASN A 9 -11.08 -36.45 -20.50
C ASN A 9 -11.22 -34.99 -20.05
N ILE A 10 -10.37 -34.54 -19.13
CA ILE A 10 -10.30 -33.11 -18.71
C ILE A 10 -9.56 -32.31 -19.78
N SER A 11 -8.84 -32.98 -20.68
CA SER A 11 -8.10 -32.37 -21.82
C SER A 11 -9.07 -31.73 -22.81
N ASN A 12 -10.31 -32.21 -22.85
CA ASN A 12 -11.35 -31.84 -23.86
C ASN A 12 -11.57 -30.32 -23.81
N ALA A 13 -11.47 -29.63 -24.97
CA ALA A 13 -11.62 -28.16 -25.04
C ALA A 13 -12.97 -27.73 -24.44
N ASN A 14 -14.04 -28.49 -24.63
CA ASN A 14 -15.37 -28.17 -24.07
C ASN A 14 -15.39 -28.25 -22.53
N VAL A 15 -14.64 -29.18 -21.92
CA VAL A 15 -14.53 -29.26 -20.43
C VAL A 15 -13.85 -27.99 -19.95
N LYS A 16 -12.78 -27.57 -20.60
CA LYS A 16 -12.04 -26.34 -20.23
C LYS A 16 -12.99 -25.14 -20.38
N GLN A 17 -13.77 -25.06 -21.45
CA GLN A 17 -14.73 -23.94 -21.64
C GLN A 17 -15.81 -24.01 -20.57
N ALA A 18 -16.30 -25.19 -20.20
CA ALA A 18 -17.30 -25.38 -19.12
C ALA A 18 -16.73 -24.85 -17.80
N VAL A 19 -15.46 -25.12 -17.49
CA VAL A 19 -14.80 -24.60 -16.26
C VAL A 19 -14.66 -23.07 -16.34
N TRP A 20 -14.25 -22.53 -17.48
CA TRP A 20 -14.16 -21.07 -17.72
C TRP A 20 -15.52 -20.43 -17.41
N PHE A 21 -16.58 -21.02 -17.96
CA PHE A 21 -17.96 -20.51 -17.79
C PHE A 21 -18.37 -20.62 -16.32
N ALA A 22 -18.21 -21.78 -15.71
CA ALA A 22 -18.64 -22.03 -14.32
C ALA A 22 -17.94 -21.04 -13.39
N MET A 23 -16.64 -20.80 -13.59
CA MET A 23 -15.86 -19.93 -12.67
C MET A 23 -16.27 -18.46 -12.84
N LYS A 24 -16.58 -18.04 -14.07
CA LYS A 24 -17.07 -16.67 -14.35
C LYS A 24 -18.36 -16.48 -13.53
N GLU A 25 -19.28 -17.45 -13.62
CA GLU A 25 -20.59 -17.34 -12.95
C GLU A 25 -20.41 -17.50 -11.43
N TYR A 26 -19.56 -18.42 -10.99
CA TYR A 26 -19.28 -18.63 -9.54
C TYR A 26 -18.86 -17.31 -8.90
N ASN A 27 -17.92 -16.63 -9.53
CA ASN A 27 -17.31 -15.39 -8.99
C ASN A 27 -18.35 -14.25 -8.99
N LYS A 28 -19.15 -14.14 -10.07
CA LYS A 28 -20.20 -13.10 -10.17
C LYS A 28 -21.20 -13.30 -9.02
N GLU A 29 -21.57 -14.55 -8.75
CA GLU A 29 -22.65 -14.90 -7.80
C GLU A 29 -22.13 -14.86 -6.36
N SER A 30 -20.83 -15.01 -6.14
CA SER A 30 -20.28 -15.19 -4.76
C SER A 30 -20.39 -13.85 -4.01
N GLU A 31 -20.51 -13.88 -2.69
CA GLU A 31 -20.45 -12.66 -1.85
C GLU A 31 -19.02 -12.33 -1.41
N ASP A 32 -18.01 -13.10 -1.84
CA ASP A 32 -16.59 -12.81 -1.51
C ASP A 32 -16.13 -11.53 -2.21
N LYS A 33 -15.24 -10.77 -1.58
CA LYS A 33 -14.69 -9.52 -2.17
C LYS A 33 -13.65 -9.92 -3.20
N TYR A 34 -13.07 -11.13 -3.10
CA TYR A 34 -11.93 -11.58 -3.93
C TYR A 34 -12.38 -12.57 -4.99
N VAL A 35 -11.61 -12.60 -6.08
CA VAL A 35 -11.77 -13.57 -7.21
C VAL A 35 -11.19 -14.92 -6.76
N PHE A 36 -11.95 -16.00 -6.96
CA PHE A 36 -11.42 -17.38 -6.85
C PHE A 36 -10.98 -17.87 -8.23
N LEU A 37 -9.79 -18.49 -8.31
CA LEU A 37 -9.31 -19.12 -9.56
C LEU A 37 -9.01 -20.60 -9.33
N VAL A 38 -8.74 -21.30 -10.43
CA VAL A 38 -8.67 -22.78 -10.46
C VAL A 38 -7.26 -23.26 -10.15
N ASP A 39 -7.09 -23.93 -9.01
CA ASP A 39 -5.85 -24.64 -8.64
C ASP A 39 -5.72 -25.88 -9.54
N LYS A 40 -6.79 -26.65 -9.69
CA LYS A 40 -6.75 -27.93 -10.40
C LYS A 40 -8.16 -28.35 -10.85
N ILE A 41 -8.26 -28.87 -12.06
CA ILE A 41 -9.51 -29.55 -12.50
C ILE A 41 -9.30 -31.02 -12.12
N LEU A 42 -10.17 -31.57 -11.28
CA LEU A 42 -9.92 -32.88 -10.63
C LEU A 42 -10.59 -34.00 -11.44
N HIS A 43 -11.81 -33.80 -11.91
CA HIS A 43 -12.60 -34.87 -12.60
C HIS A 43 -13.69 -34.23 -13.44
N ALA A 44 -14.07 -34.88 -14.51
CA ALA A 44 -15.18 -34.47 -15.38
C ALA A 44 -15.99 -35.69 -15.77
N LYS A 45 -17.31 -35.53 -15.79
CA LYS A 45 -18.24 -36.55 -16.29
C LYS A 45 -19.27 -35.87 -17.19
N LEU A 46 -19.78 -36.59 -18.16
CA LEU A 46 -20.72 -36.10 -19.19
C LEU A 46 -21.98 -36.94 -19.18
N GLN A 47 -23.12 -36.27 -19.11
CA GLN A 47 -24.42 -36.89 -19.36
C GLN A 47 -24.95 -36.33 -20.67
N ILE A 48 -25.40 -37.19 -21.59
CA ILE A 48 -26.01 -36.72 -22.86
C ILE A 48 -27.52 -36.80 -22.75
N THR A 49 -28.23 -35.68 -22.65
CA THR A 49 -29.72 -35.64 -22.71
C THR A 49 -30.14 -34.71 -23.83
N ASP A 50 -31.16 -33.85 -23.63
CA ASP A 50 -31.53 -32.83 -24.64
C ASP A 50 -30.36 -31.84 -24.76
N ARG A 51 -29.50 -31.78 -23.76
CA ARG A 51 -28.26 -30.99 -23.80
C ARG A 51 -27.09 -31.83 -23.28
N MET A 52 -25.88 -31.30 -23.41
CA MET A 52 -24.67 -31.92 -22.78
C MET A 52 -24.65 -31.40 -21.34
N GLU A 53 -24.48 -32.29 -20.36
CA GLU A 53 -24.29 -31.86 -18.95
C GLU A 53 -22.91 -32.34 -18.50
N TYR A 54 -22.08 -31.38 -18.09
CA TYR A 54 -20.73 -31.66 -17.53
C TYR A 54 -20.79 -31.51 -16.01
N GLN A 55 -20.53 -32.60 -15.27
CA GLN A 55 -20.32 -32.58 -13.79
C GLN A 55 -18.80 -32.47 -13.60
N ILE A 56 -18.33 -31.32 -13.15
CA ILE A 56 -16.88 -31.03 -13.05
C ILE A 56 -16.50 -30.74 -11.60
N ASP A 57 -15.48 -31.43 -11.11
CA ASP A 57 -14.89 -31.24 -9.77
C ASP A 57 -13.61 -30.41 -9.98
N VAL A 58 -13.50 -29.32 -9.26
CA VAL A 58 -12.34 -28.39 -9.33
C VAL A 58 -11.92 -28.05 -7.91
N GLN A 59 -10.62 -27.80 -7.75
CA GLN A 59 -10.10 -27.17 -6.54
C GLN A 59 -9.87 -25.71 -6.92
N ILE A 60 -10.41 -24.81 -6.11
CA ILE A 60 -10.26 -23.35 -6.32
C ILE A 60 -9.66 -22.75 -5.06
N SER A 61 -9.07 -21.57 -5.19
CA SER A 61 -8.46 -20.84 -4.06
C SER A 61 -8.74 -19.36 -4.20
N ARG A 62 -8.74 -18.66 -3.07
CA ARG A 62 -8.92 -17.21 -3.03
C ARG A 62 -7.65 -16.59 -3.57
N SER A 63 -7.77 -15.70 -4.56
CA SER A 63 -6.63 -14.98 -5.15
C SER A 63 -6.43 -13.65 -4.41
N ASN A 64 -5.39 -12.91 -4.80
CA ASN A 64 -5.12 -11.54 -4.31
C ASN A 64 -5.76 -10.54 -5.27
N CYS A 65 -6.68 -10.97 -6.13
CA CYS A 65 -7.41 -10.05 -7.04
C CYS A 65 -8.82 -9.73 -6.49
N LYS A 66 -9.10 -8.46 -6.25
CA LYS A 66 -10.44 -7.99 -5.80
C LYS A 66 -11.40 -8.04 -7.00
N LYS A 67 -12.64 -8.45 -6.78
CA LYS A 67 -13.71 -8.40 -7.80
C LYS A 67 -14.02 -6.93 -8.09
N PRO A 68 -14.37 -6.56 -9.34
CA PRO A 68 -14.36 -7.45 -10.49
C PRO A 68 -12.98 -7.57 -11.14
N LEU A 69 -12.72 -8.72 -11.77
CA LEU A 69 -11.38 -9.06 -12.30
C LEU A 69 -10.85 -7.89 -13.15
N ASN A 70 -11.72 -7.30 -13.99
CA ASN A 70 -11.39 -6.21 -14.94
C ASN A 70 -10.23 -6.77 -15.77
N ASN A 71 -9.14 -6.03 -15.96
CA ASN A 71 -8.00 -6.39 -16.85
C ASN A 71 -6.79 -6.77 -15.98
N THR A 72 -7.04 -7.06 -14.70
CA THR A 72 -6.01 -7.53 -13.73
C THR A 72 -5.41 -8.83 -14.28
N GLU A 73 -4.07 -8.89 -14.31
CA GLU A 73 -3.31 -10.06 -14.82
C GLU A 73 -2.42 -10.59 -13.69
N ASN A 74 -2.13 -11.89 -13.70
CA ASN A 74 -1.20 -12.55 -12.76
C ASN A 74 -1.76 -12.44 -11.33
N CYS A 75 -3.07 -12.61 -11.17
CA CYS A 75 -3.65 -12.98 -9.86
C CYS A 75 -2.88 -14.20 -9.37
N ILE A 76 -2.57 -14.21 -8.08
CA ILE A 76 -1.88 -15.36 -7.43
C ILE A 76 -2.68 -15.73 -6.21
N PRO A 77 -2.54 -16.99 -5.74
CA PRO A 77 -3.21 -17.40 -4.50
C PRO A 77 -2.80 -16.49 -3.34
N GLN A 78 -3.75 -16.23 -2.44
CA GLN A 78 -3.48 -15.39 -1.26
C GLN A 78 -2.21 -15.87 -0.53
N LYS A 79 -1.35 -14.94 -0.12
CA LYS A 79 -0.12 -15.24 0.66
C LYS A 79 -0.32 -14.88 2.14
N LYS A 80 -1.44 -14.22 2.50
CA LYS A 80 -1.72 -13.85 3.91
C LYS A 80 -2.54 -14.98 4.53
N PRO A 81 -2.02 -15.63 5.60
CA PRO A 81 -2.66 -16.83 6.17
C PRO A 81 -4.15 -16.66 6.49
N GLU A 82 -4.57 -15.49 6.97
CA GLU A 82 -5.97 -15.25 7.43
C GLU A 82 -6.91 -15.16 6.21
N LEU A 83 -6.37 -14.91 5.00
CA LEU A 83 -7.17 -14.80 3.75
C LEU A 83 -7.01 -16.04 2.86
N GLU A 84 -6.05 -16.92 3.15
CA GLU A 84 -5.86 -18.18 2.40
C GLU A 84 -7.16 -18.97 2.50
N LYS A 85 -7.67 -19.47 1.37
CA LYS A 85 -8.94 -20.23 1.32
C LYS A 85 -8.92 -21.14 0.10
N LYS A 86 -8.96 -22.44 0.35
CA LYS A 86 -9.01 -23.49 -0.68
C LYS A 86 -10.38 -24.18 -0.56
N MET A 87 -11.02 -24.46 -1.69
CA MET A 87 -12.32 -25.18 -1.70
C MET A 87 -12.30 -26.25 -2.78
N SER A 88 -12.98 -27.36 -2.51
CA SER A 88 -13.34 -28.39 -3.51
C SER A 88 -14.77 -28.09 -3.96
N CYS A 89 -14.98 -27.83 -5.24
CA CYS A 89 -16.29 -27.47 -5.82
C CYS A 89 -16.69 -28.52 -6.84
N SER A 90 -17.99 -28.77 -6.89
CA SER A 90 -18.64 -29.55 -7.96
C SER A 90 -19.62 -28.63 -8.70
N PHE A 91 -19.42 -28.46 -10.00
CA PHE A 91 -20.27 -27.65 -10.90
C PHE A 91 -20.99 -28.61 -11.87
N LEU A 92 -22.25 -28.32 -12.13
CA LEU A 92 -23.04 -28.98 -13.18
C LEU A 92 -23.31 -27.93 -14.24
N VAL A 93 -22.71 -28.10 -15.41
CA VAL A 93 -22.80 -27.11 -16.50
C VAL A 93 -23.58 -27.74 -17.65
N GLY A 94 -24.72 -27.15 -17.99
CA GLY A 94 -25.50 -27.55 -19.17
C GLY A 94 -25.01 -26.80 -20.39
N ALA A 95 -24.93 -27.46 -21.54
CA ALA A 95 -24.33 -26.87 -22.75
C ALA A 95 -24.86 -27.50 -24.03
N LEU A 96 -24.90 -26.67 -25.07
CA LEU A 96 -24.80 -27.08 -26.48
C LEU A 96 -23.51 -26.44 -26.98
N PRO A 97 -22.36 -27.07 -26.69
CA PRO A 97 -21.07 -26.40 -26.79
C PRO A 97 -20.76 -26.02 -28.25
N TRP A 98 -21.29 -26.79 -29.20
CA TRP A 98 -21.16 -26.48 -30.64
C TRP A 98 -21.85 -25.15 -30.97
N ASN A 99 -22.75 -24.67 -30.10
CA ASN A 99 -23.54 -23.42 -30.33
C ASN A 99 -23.08 -22.33 -29.37
N GLY A 100 -22.00 -22.57 -28.63
CA GLY A 100 -21.48 -21.68 -27.57
C GLY A 100 -22.49 -21.43 -26.47
N GLU A 101 -23.37 -22.40 -26.17
CA GLU A 101 -24.48 -22.21 -25.18
C GLU A 101 -24.08 -22.96 -23.91
N PHE A 102 -23.85 -22.24 -22.80
CA PHE A 102 -23.52 -22.84 -21.48
C PHE A 102 -24.42 -22.21 -20.41
N ASN A 103 -24.78 -23.00 -19.41
CA ASN A 103 -25.68 -22.61 -18.30
C ASN A 103 -25.16 -23.32 -17.04
N LEU A 104 -24.96 -22.60 -15.94
CA LEU A 104 -24.51 -23.21 -14.66
C LEU A 104 -25.76 -23.68 -13.93
N LEU A 105 -25.96 -24.99 -13.89
CA LEU A 105 -27.18 -25.60 -13.35
C LEU A 105 -27.05 -25.74 -11.85
N SER A 106 -25.86 -26.09 -11.35
CA SER A 106 -25.70 -26.32 -9.90
C SER A 106 -24.26 -26.06 -9.50
N LYS A 107 -24.08 -25.61 -8.26
CA LYS A 107 -22.73 -25.45 -7.65
C LYS A 107 -22.78 -25.99 -6.22
N GLU A 108 -21.68 -26.58 -5.78
CA GLU A 108 -21.49 -26.93 -4.34
C GLU A 108 -20.00 -26.90 -4.04
N CYS A 109 -19.63 -26.12 -3.03
CA CYS A 109 -18.24 -25.91 -2.62
C CYS A 109 -18.08 -26.24 -1.14
N LYS A 110 -16.97 -26.88 -0.80
CA LYS A 110 -16.60 -27.24 0.59
C LYS A 110 -15.16 -26.75 0.82
N ASP A 111 -14.86 -26.27 2.02
CA ASP A 111 -13.47 -25.92 2.43
C ASP A 111 -12.60 -27.17 2.40
N VAL A 112 -11.33 -27.09 2.00
CA VAL A 112 -10.40 -28.25 2.16
C VAL A 112 -9.11 -27.77 2.82
N ASN B 3 -18.14 2.60 5.88
CA ASN B 3 -17.00 1.69 6.14
C ASN B 3 -16.05 2.42 7.10
N TYR B 4 -14.89 1.83 7.39
CA TYR B 4 -13.94 2.41 8.39
C TYR B 4 -12.69 2.90 7.68
N PHE B 5 -12.77 3.13 6.36
CA PHE B 5 -11.66 3.73 5.58
C PHE B 5 -11.84 5.25 5.57
N GLY B 6 -10.80 6.01 5.86
CA GLY B 6 -10.84 7.48 5.81
C GLY B 6 -9.76 8.01 4.88
N SER B 7 -10.06 9.04 4.10
CA SER B 7 -9.10 9.62 3.14
C SER B 7 -7.89 10.14 3.93
N ILE B 8 -6.69 9.99 3.37
CA ILE B 8 -5.41 10.52 3.92
C ILE B 8 -4.68 11.22 2.78
N ASN B 9 -3.77 12.10 3.14
CA ASN B 9 -2.96 12.89 2.18
C ASN B 9 -1.99 11.91 1.52
N ILE B 10 -1.89 11.96 0.19
CA ILE B 10 -0.94 11.12 -0.60
C ILE B 10 0.49 11.58 -0.31
N SER B 11 0.67 12.78 0.27
CA SER B 11 1.98 13.33 0.70
C SER B 11 2.60 12.49 1.82
N ASN B 12 1.80 11.75 2.58
CA ASN B 12 2.21 11.00 3.80
C ASN B 12 3.31 9.99 3.43
N ALA B 13 4.42 9.99 4.17
CA ALA B 13 5.57 9.07 4.00
C ALA B 13 5.09 7.61 3.94
N ASN B 14 4.13 7.22 4.78
CA ASN B 14 3.65 5.83 4.82
C ASN B 14 2.86 5.47 3.57
N VAL B 15 2.12 6.42 2.96
CA VAL B 15 1.41 6.17 1.68
C VAL B 15 2.48 5.92 0.61
N LYS B 16 3.53 6.72 0.56
CA LYS B 16 4.60 6.54 -0.44
C LYS B 16 5.28 5.18 -0.22
N GLN B 17 5.55 4.76 1.02
CA GLN B 17 6.15 3.41 1.28
C GLN B 17 5.15 2.32 0.84
N ALA B 18 3.86 2.48 1.15
CA ALA B 18 2.81 1.51 0.73
C ALA B 18 2.77 1.37 -0.81
N VAL B 19 2.85 2.47 -1.54
CA VAL B 19 2.89 2.46 -3.04
C VAL B 19 4.18 1.76 -3.50
N TRP B 20 5.33 2.09 -2.91
CA TRP B 20 6.62 1.40 -3.22
C TRP B 20 6.43 -0.10 -3.03
N PHE B 21 5.86 -0.53 -1.92
CA PHE B 21 5.70 -1.97 -1.63
C PHE B 21 4.72 -2.61 -2.64
N ALA B 22 3.56 -2.01 -2.85
CA ALA B 22 2.54 -2.51 -3.80
C ALA B 22 3.15 -2.69 -5.18
N MET B 23 3.90 -1.69 -5.67
CA MET B 23 4.43 -1.70 -7.06
C MET B 23 5.55 -2.73 -7.18
N LYS B 24 6.36 -2.90 -6.13
N LYS B 24 6.37 -2.90 -6.13
CA LYS B 24 7.43 -3.93 -6.12
CA LYS B 24 7.43 -3.93 -6.10
C LYS B 24 6.76 -5.30 -6.26
C LYS B 24 6.76 -5.29 -6.26
N GLU B 25 5.70 -5.54 -5.49
CA GLU B 25 4.99 -6.85 -5.51
C GLU B 25 4.23 -6.99 -6.83
N TYR B 26 3.61 -5.92 -7.35
CA TYR B 26 2.86 -5.96 -8.63
C TYR B 26 3.79 -6.44 -9.75
N ASN B 27 4.98 -5.84 -9.80
CA ASN B 27 5.99 -6.14 -10.86
C ASN B 27 6.56 -7.56 -10.67
N LYS B 28 6.80 -7.97 -9.43
N LYS B 28 6.80 -7.97 -9.43
CA LYS B 28 7.31 -9.33 -9.09
CA LYS B 28 7.30 -9.33 -9.09
C LYS B 28 6.29 -10.36 -9.55
C LYS B 28 6.29 -10.37 -9.58
N GLU B 29 5.00 -10.09 -9.39
CA GLU B 29 3.92 -11.04 -9.72
C GLU B 29 3.63 -11.00 -11.22
N SER B 30 3.90 -9.90 -11.90
CA SER B 30 3.51 -9.72 -13.31
C SER B 30 4.47 -10.56 -14.17
N GLU B 31 3.99 -11.19 -15.25
CA GLU B 31 4.87 -11.96 -16.15
C GLU B 31 5.14 -11.08 -17.37
N ASP B 32 4.92 -9.76 -17.28
CA ASP B 32 5.30 -8.79 -18.33
C ASP B 32 6.82 -8.73 -18.38
N LYS B 33 7.44 -8.53 -19.54
CA LYS B 33 8.91 -8.43 -19.56
C LYS B 33 9.33 -7.01 -19.19
N TYR B 34 8.42 -6.04 -19.22
CA TYR B 34 8.70 -4.63 -18.88
C TYR B 34 8.19 -4.29 -17.48
N VAL B 35 8.80 -3.31 -16.84
CA VAL B 35 8.44 -2.82 -15.49
C VAL B 35 7.36 -1.76 -15.64
N PHE B 36 6.34 -1.76 -14.78
CA PHE B 36 5.30 -0.72 -14.74
C PHE B 36 5.66 0.27 -13.64
N LEU B 37 5.60 1.56 -13.89
CA LEU B 37 5.87 2.56 -12.85
C LEU B 37 4.66 3.46 -12.68
N VAL B 38 4.60 4.24 -11.62
CA VAL B 38 3.44 5.09 -11.28
C VAL B 38 3.39 6.41 -12.07
N ASP B 39 2.33 6.64 -12.85
CA ASP B 39 2.06 7.92 -13.54
C ASP B 39 1.63 8.90 -12.46
N LYS B 40 0.64 8.57 -11.64
CA LYS B 40 0.22 9.51 -10.59
C LYS B 40 -0.37 8.76 -9.42
N ILE B 41 -0.13 9.23 -8.20
CA ILE B 41 -0.98 8.49 -7.13
C ILE B 41 -2.29 9.29 -7.11
N LEU B 42 -3.45 8.65 -7.25
CA LEU B 42 -4.72 9.38 -7.36
C LEU B 42 -5.40 9.61 -6.01
N HIS B 43 -5.48 8.57 -5.21
N HIS B 43 -5.56 8.54 -5.26
CA HIS B 43 -6.28 8.70 -4.00
CA HIS B 43 -6.31 8.69 -3.99
C HIS B 43 -5.70 7.84 -2.86
C HIS B 43 -5.69 7.84 -2.86
N ALA B 44 -6.00 8.05 -1.55
CA ALA B 44 -5.34 7.08 -0.57
C ALA B 44 -6.26 7.03 0.65
N LYS B 45 -6.60 5.88 1.19
CA LYS B 45 -7.46 5.80 2.39
C LYS B 45 -6.79 4.89 3.39
N LEU B 46 -7.04 5.10 4.67
CA LEU B 46 -6.47 4.29 5.75
C LEU B 46 -7.60 3.72 6.63
N GLN B 47 -7.54 2.45 6.96
CA GLN B 47 -8.48 1.84 7.90
C GLN B 47 -7.58 1.34 9.03
N ILE B 48 -7.91 1.61 10.27
CA ILE B 48 -7.09 1.18 11.43
C ILE B 48 -7.79 0.00 12.12
N THR B 49 -7.30 -1.22 11.99
CA THR B 49 -7.85 -2.44 12.64
C THR B 49 -6.70 -3.04 13.45
N ASP B 50 -6.46 -4.35 13.46
CA ASP B 50 -5.25 -5.02 14.00
C ASP B 50 -3.99 -4.60 13.22
N ARG B 51 -4.06 -4.18 11.97
CA ARG B 51 -2.87 -3.63 11.26
C ARG B 51 -3.28 -2.35 10.54
N MET B 52 -2.35 -1.49 10.16
CA MET B 52 -2.88 -0.32 9.32
C MET B 52 -3.18 -0.82 7.91
N GLU B 53 -4.30 -0.45 7.32
CA GLU B 53 -4.60 -0.89 5.94
C GLU B 53 -4.75 0.32 5.03
N TYR B 54 -3.98 0.42 3.95
CA TYR B 54 -4.01 1.55 2.99
C TYR B 54 -4.64 1.10 1.68
N GLN B 55 -5.80 1.60 1.28
CA GLN B 55 -6.36 1.31 -0.06
C GLN B 55 -5.87 2.50 -0.92
N ILE B 56 -4.96 2.29 -1.85
CA ILE B 56 -4.39 3.39 -2.67
C ILE B 56 -4.78 3.20 -4.14
N ASP B 57 -5.25 4.26 -4.81
CA ASP B 57 -5.63 4.23 -6.23
C ASP B 57 -4.50 4.93 -6.99
N VAL B 58 -3.92 4.31 -8.01
CA VAL B 58 -2.79 4.86 -8.77
C VAL B 58 -3.02 4.65 -10.25
N GLN B 59 -2.40 5.46 -11.08
CA GLN B 59 -2.38 5.23 -12.54
C GLN B 59 -0.97 4.73 -12.81
N ILE B 60 -0.80 3.61 -13.50
CA ILE B 60 0.55 3.07 -13.78
C ILE B 60 0.66 2.89 -15.29
N SER B 61 1.87 2.86 -15.80
CA SER B 61 2.08 2.64 -17.25
C SER B 61 3.27 1.73 -17.48
N ARG B 62 3.27 1.01 -18.61
CA ARG B 62 4.38 0.13 -18.99
C ARG B 62 5.56 1.02 -19.33
N SER B 63 6.72 0.82 -18.73
CA SER B 63 7.93 1.64 -18.96
C SER B 63 8.75 1.04 -20.09
N ASN B 64 9.84 1.68 -20.49
CA ASN B 64 10.77 1.16 -21.51
C ASN B 64 11.90 0.38 -20.84
N CYS B 65 11.82 0.09 -19.55
CA CYS B 65 12.82 -0.71 -18.84
C CYS B 65 12.41 -2.19 -18.76
N LYS B 66 13.27 -3.13 -19.21
CA LYS B 66 12.99 -4.59 -19.10
C LYS B 66 13.53 -5.07 -17.74
N LYS B 67 12.98 -6.16 -17.20
CA LYS B 67 13.39 -6.71 -15.87
C LYS B 67 14.75 -7.43 -16.01
N PRO B 68 15.56 -7.70 -14.96
CA PRO B 68 15.62 -6.94 -13.69
C PRO B 68 16.10 -5.49 -13.90
N LEU B 69 15.55 -4.55 -13.13
CA LEU B 69 15.94 -3.12 -13.22
C LEU B 69 17.46 -3.01 -13.12
N ASN B 70 18.09 -2.23 -14.01
CA ASN B 70 19.58 -2.12 -14.00
C ASN B 70 20.05 -1.17 -12.89
N ASN B 71 21.33 -1.35 -12.49
CA ASN B 71 22.00 -0.53 -11.43
C ASN B 71 21.98 0.94 -11.81
N THR B 72 21.80 1.23 -13.10
CA THR B 72 21.54 2.59 -13.63
C THR B 72 20.04 2.64 -13.99
N GLU B 73 19.45 3.82 -14.18
CA GLU B 73 17.97 3.94 -14.24
C GLU B 73 17.45 5.02 -15.20
N ASN B 74 16.86 4.66 -16.34
CA ASN B 74 16.36 5.72 -17.27
C ASN B 74 15.03 5.19 -17.78
N CYS B 75 14.06 5.14 -16.88
CA CYS B 75 12.76 4.53 -17.24
C CYS B 75 11.70 5.61 -17.54
N ILE B 76 11.06 5.58 -18.71
CA ILE B 76 9.98 6.48 -19.18
C ILE B 76 8.86 5.62 -19.75
N PRO B 77 7.62 6.15 -19.87
CA PRO B 77 6.53 5.42 -20.51
C PRO B 77 6.88 4.96 -21.93
N GLN B 78 6.35 3.79 -22.31
CA GLN B 78 6.63 3.21 -23.63
C GLN B 78 6.22 4.20 -24.73
N LYS B 79 7.06 4.37 -25.75
CA LYS B 79 6.78 5.21 -26.95
C LYS B 79 6.43 4.33 -28.16
N LYS B 80 6.49 3.02 -28.03
CA LYS B 80 6.13 2.06 -29.13
C LYS B 80 4.64 1.74 -29.00
N PRO B 81 3.84 2.07 -30.02
CA PRO B 81 2.37 1.95 -29.92
C PRO B 81 1.86 0.59 -29.45
N GLU B 82 2.48 -0.52 -29.86
CA GLU B 82 1.96 -1.87 -29.58
C GLU B 82 2.25 -2.23 -28.11
N LEU B 83 3.19 -1.51 -27.46
CA LEU B 83 3.60 -1.76 -26.06
C LEU B 83 3.02 -0.70 -25.11
N GLU B 84 2.45 0.40 -25.62
CA GLU B 84 1.81 1.42 -24.76
C GLU B 84 0.69 0.75 -23.95
N LYS B 85 0.69 0.95 -22.63
CA LYS B 85 -0.34 0.38 -21.73
C LYS B 85 -0.41 1.22 -20.45
N LYS B 86 -1.54 1.89 -20.26
CA LYS B 86 -1.88 2.67 -19.04
C LYS B 86 -3.03 1.98 -18.32
N MET B 87 -2.95 1.87 -17.00
CA MET B 87 -4.03 1.26 -16.19
C MET B 87 -4.30 2.10 -14.95
N SER B 88 -5.55 2.10 -14.49
CA SER B 88 -5.96 2.57 -13.14
C SER B 88 -5.99 1.34 -12.22
N CYS B 89 -5.19 1.35 -11.16
CA CYS B 89 -5.06 0.23 -10.21
C CYS B 89 -5.50 0.67 -8.81
N SER B 90 -6.14 -0.23 -8.09
CA SER B 90 -6.40 -0.12 -6.65
C SER B 90 -5.64 -1.22 -5.90
N PHE B 91 -4.79 -0.84 -4.96
CA PHE B 91 -4.02 -1.77 -4.11
C PHE B 91 -4.46 -1.62 -2.65
N LEU B 92 -4.61 -2.75 -1.96
CA LEU B 92 -4.85 -2.79 -0.50
C LEU B 92 -3.59 -3.34 0.16
N VAL B 93 -2.92 -2.48 0.91
CA VAL B 93 -1.63 -2.82 1.57
C VAL B 93 -1.83 -2.86 3.06
N GLY B 94 -1.67 -4.03 3.70
CA GLY B 94 -1.77 -4.20 5.15
C GLY B 94 -0.40 -3.98 5.73
N ALA B 95 -0.32 -3.30 6.86
CA ALA B 95 1.00 -2.98 7.39
C ALA B 95 1.04 -2.64 8.88
N LEU B 96 2.24 -2.81 9.46
CA LEU B 96 2.67 -2.27 10.76
C LEU B 96 3.85 -1.43 10.27
N PRO B 97 3.65 -0.23 9.70
CA PRO B 97 4.72 0.50 9.02
C PRO B 97 5.93 0.88 9.89
N TRP B 98 5.72 0.92 11.20
CA TRP B 98 6.76 1.22 12.22
C TRP B 98 7.65 -0.01 12.41
N ASN B 99 7.22 -1.21 11.98
CA ASN B 99 7.92 -2.48 12.22
C ASN B 99 8.46 -3.01 10.90
N GLY B 100 8.42 -2.21 9.84
CA GLY B 100 8.85 -2.63 8.49
C GLY B 100 7.99 -3.78 7.95
N GLU B 101 6.72 -3.90 8.36
CA GLU B 101 5.90 -5.08 7.98
C GLU B 101 4.83 -4.61 6.99
N PHE B 102 4.92 -5.06 5.74
CA PHE B 102 3.92 -4.75 4.69
C PHE B 102 3.54 -6.04 3.98
N ASN B 103 2.27 -6.09 3.58
CA ASN B 103 1.68 -7.25 2.86
C ASN B 103 0.72 -6.66 1.81
N LEU B 104 0.83 -7.12 0.55
CA LEU B 104 -0.10 -6.71 -0.50
C LEU B 104 -1.28 -7.66 -0.42
N LEU B 105 -2.41 -7.15 0.07
CA LEU B 105 -3.60 -7.95 0.35
C LEU B 105 -4.39 -8.12 -0.94
N SER B 106 -4.48 -7.07 -1.75
CA SER B 106 -5.38 -7.12 -2.92
C SER B 106 -4.88 -6.17 -3.99
N LYS B 107 -5.13 -6.54 -5.24
CA LYS B 107 -4.84 -5.69 -6.42
C LYS B 107 -6.00 -5.77 -7.39
N GLU B 108 -6.22 -4.66 -8.11
CA GLU B 108 -7.29 -4.58 -9.14
C GLU B 108 -6.90 -3.50 -10.13
N CYS B 109 -6.80 -3.84 -11.40
CA CYS B 109 -6.33 -2.93 -12.47
C CYS B 109 -7.33 -2.94 -13.60
N LYS B 110 -7.55 -1.77 -14.21
CA LYS B 110 -8.39 -1.61 -15.43
C LYS B 110 -7.63 -0.74 -16.45
N ASP B 111 -7.71 -1.08 -17.73
CA ASP B 111 -7.06 -0.34 -18.84
C ASP B 111 -7.65 1.08 -18.89
N VAL B 112 -6.77 2.01 -19.29
CA VAL B 112 -6.85 3.50 -19.45
C VAL B 112 -7.14 4.17 -18.09
N ALA C 1 -8.68 25.50 33.76
CA ALA C 1 -7.36 25.88 34.32
C ALA C 1 -6.27 25.68 33.26
N GLN C 2 -5.05 26.14 33.54
CA GLN C 2 -3.88 25.98 32.63
C GLN C 2 -3.33 24.56 32.76
N ASN C 3 -2.72 24.07 31.68
CA ASN C 3 -2.04 22.76 31.60
C ASN C 3 -1.00 22.88 30.48
N TYR C 4 -0.31 21.79 30.17
CA TYR C 4 0.82 21.79 29.19
C TYR C 4 0.42 20.97 27.98
N PHE C 5 -0.89 20.74 27.78
CA PHE C 5 -1.39 20.06 26.56
C PHE C 5 -1.71 21.11 25.50
N GLY C 6 -1.27 20.91 24.26
CA GLY C 6 -1.53 21.84 23.14
C GLY C 6 -2.12 21.10 21.97
N SER C 7 -3.12 21.67 21.31
CA SER C 7 -3.77 21.03 20.15
C SER C 7 -2.72 20.81 19.06
N ILE C 8 -2.78 19.67 18.36
CA ILE C 8 -1.88 19.28 17.25
C ILE C 8 -2.75 18.78 16.09
N ASN C 9 -2.16 18.77 14.90
CA ASN C 9 -2.85 18.37 13.67
C ASN C 9 -3.11 16.86 13.70
N ILE C 10 -4.33 16.44 13.42
CA ILE C 10 -4.73 15.01 13.57
C ILE C 10 -4.10 14.23 12.41
N SER C 11 -3.58 14.91 11.38
CA SER C 11 -2.87 14.29 10.23
C SER C 11 -1.59 13.56 10.67
N ASN C 12 -1.04 13.93 11.83
CA ASN C 12 0.23 13.42 12.41
C ASN C 12 0.26 11.87 12.44
N ALA C 13 1.33 11.28 11.89
CA ALA C 13 1.53 9.82 11.81
C ALA C 13 1.55 9.23 13.23
N ASN C 14 2.11 9.90 14.20
CA ASN C 14 2.16 9.41 15.60
C ASN C 14 0.76 9.43 16.24
N VAL C 15 -0.11 10.36 15.89
CA VAL C 15 -1.53 10.36 16.35
C VAL C 15 -2.18 9.07 15.81
N LYS C 16 -1.96 8.76 14.54
CA LYS C 16 -2.57 7.55 13.93
C LYS C 16 -2.03 6.29 14.63
N GLN C 17 -0.73 6.22 14.91
CA GLN C 17 -0.15 5.05 15.65
C GLN C 17 -0.73 4.99 17.07
N ALA C 18 -0.85 6.14 17.75
CA ALA C 18 -1.46 6.20 19.12
C ALA C 18 -2.89 5.66 19.09
N VAL C 19 -3.67 6.02 18.08
CA VAL C 19 -5.08 5.52 17.94
C VAL C 19 -5.06 4.02 17.65
N TRP C 20 -4.19 3.53 16.78
CA TRP C 20 -4.02 2.08 16.51
C TRP C 20 -3.78 1.35 17.83
N PHE C 21 -2.86 1.88 18.64
CA PHE C 21 -2.49 1.26 19.92
C PHE C 21 -3.69 1.28 20.89
N ALA C 22 -4.30 2.46 21.07
CA ALA C 22 -5.43 2.66 22.01
C ALA C 22 -6.57 1.72 21.62
N MET C 23 -6.88 1.59 20.33
CA MET C 23 -8.07 0.81 19.88
C MET C 23 -7.80 -0.67 20.08
N LYS C 24 -6.55 -1.13 19.86
CA LYS C 24 -6.18 -2.55 20.13
C LYS C 24 -6.44 -2.82 21.62
N GLU C 25 -6.00 -1.93 22.51
CA GLU C 25 -6.17 -2.14 23.96
C GLU C 25 -7.67 -2.00 24.35
N TYR C 26 -8.37 -1.02 23.79
CA TYR C 26 -9.81 -0.82 24.05
C TYR C 26 -10.60 -2.11 23.77
N ASN C 27 -10.34 -2.68 22.59
CA ASN C 27 -11.07 -3.88 22.12
C ASN C 27 -10.70 -5.10 22.97
N LYS C 28 -9.42 -5.25 23.35
CA LYS C 28 -9.02 -6.43 24.16
C LYS C 28 -9.67 -6.33 25.54
N GLU C 29 -9.81 -5.12 26.08
CA GLU C 29 -10.34 -4.91 27.44
C GLU C 29 -11.87 -4.91 27.45
N SER C 30 -12.53 -4.68 26.32
CA SER C 30 -14.02 -4.54 26.26
C SER C 30 -14.67 -5.91 26.51
N GLU C 31 -15.87 -5.96 27.08
CA GLU C 31 -16.63 -7.22 27.24
C GLU C 31 -17.65 -7.35 26.10
N ASP C 32 -17.54 -6.59 25.02
CA ASP C 32 -18.50 -6.66 23.89
C ASP C 32 -18.20 -7.93 23.07
N LYS C 33 -19.19 -8.52 22.42
CA LYS C 33 -19.00 -9.62 21.44
C LYS C 33 -18.31 -9.11 20.18
N TYR C 34 -18.49 -7.81 19.86
CA TYR C 34 -18.11 -7.20 18.56
C TYR C 34 -16.89 -6.30 18.76
N VAL C 35 -16.15 -6.12 17.66
CA VAL C 35 -15.01 -5.20 17.56
C VAL C 35 -15.57 -3.79 17.31
N PHE C 36 -15.07 -2.81 18.05
CA PHE C 36 -15.29 -1.37 17.72
C PHE C 36 -14.15 -0.85 16.85
N LEU C 37 -14.50 -0.09 15.79
CA LEU C 37 -13.51 0.55 14.88
C LEU C 37 -13.79 2.05 14.81
N VAL C 38 -12.86 2.78 14.21
CA VAL C 38 -12.83 4.26 14.25
C VAL C 38 -13.66 4.86 13.10
N ASP C 39 -14.75 5.55 13.43
CA ASP C 39 -15.54 6.40 12.50
C ASP C 39 -14.69 7.62 12.10
N LYS C 40 -14.07 8.25 13.07
CA LYS C 40 -13.23 9.42 12.80
C LYS C 40 -12.35 9.77 14.00
N ILE C 41 -11.11 10.17 13.77
CA ILE C 41 -10.28 10.85 14.81
C ILE C 41 -10.76 12.30 14.84
N LEU C 42 -11.20 12.79 15.99
CA LEU C 42 -11.84 14.13 16.09
C LEU C 42 -10.80 15.22 16.39
N HIS C 43 -9.94 14.95 17.36
CA HIS C 43 -9.02 15.97 17.91
C HIS C 43 -7.81 15.33 18.57
N ALA C 44 -6.71 16.06 18.67
CA ALA C 44 -5.51 15.54 19.36
C ALA C 44 -4.84 16.70 20.08
N LYS C 45 -4.34 16.44 21.28
CA LYS C 45 -3.46 17.36 22.02
C LYS C 45 -2.21 16.58 22.41
N LEU C 46 -1.11 17.31 22.50
CA LEU C 46 0.21 16.76 22.87
C LEU C 46 0.73 17.51 24.10
N GLN C 47 1.19 16.78 25.10
CA GLN C 47 1.99 17.34 26.21
C GLN C 47 3.38 16.75 26.05
N ILE C 48 4.41 17.60 26.08
CA ILE C 48 5.82 17.10 26.07
C ILE C 48 6.34 17.13 27.50
N THR C 49 6.56 15.97 28.10
CA THR C 49 7.12 15.83 29.47
C THR C 49 8.31 14.87 29.38
N ASP C 50 8.53 13.98 30.36
CA ASP C 50 9.60 12.96 30.22
C ASP C 50 9.21 12.01 29.09
N ARG C 51 7.93 11.95 28.74
CA ARG C 51 7.45 11.24 27.52
C ARG C 51 6.53 12.15 26.70
N MET C 52 6.13 11.71 25.52
CA MET C 52 5.07 12.40 24.74
C MET C 52 3.74 11.84 25.25
N GLU C 53 2.79 12.74 25.54
CA GLU C 53 1.43 12.33 25.98
C GLU C 53 0.42 12.85 24.96
N TYR C 54 -0.31 11.94 24.32
CA TYR C 54 -1.36 12.30 23.33
C TYR C 54 -2.74 12.12 23.96
N GLN C 55 -3.50 13.21 24.09
CA GLN C 55 -4.93 13.18 24.49
C GLN C 55 -5.74 13.18 23.20
N ILE C 56 -6.34 12.05 22.82
CA ILE C 56 -6.98 11.92 21.48
C ILE C 56 -8.46 11.61 21.63
N ASP C 57 -9.29 12.41 20.94
CA ASP C 57 -10.77 12.24 20.92
C ASP C 57 -11.11 11.56 19.61
N VAL C 58 -11.83 10.46 19.67
CA VAL C 58 -12.17 9.61 18.50
C VAL C 58 -13.65 9.26 18.61
N GLN C 59 -14.30 9.09 17.45
CA GLN C 59 -15.66 8.53 17.40
C GLN C 59 -15.47 7.11 16.94
N ILE C 60 -15.98 6.17 17.71
CA ILE C 60 -15.92 4.72 17.37
C ILE C 60 -17.34 4.19 17.25
N SER C 61 -17.50 3.11 16.53
CA SER C 61 -18.82 2.45 16.38
C SER C 61 -18.64 0.95 16.44
N ARG C 62 -19.72 0.26 16.82
CA ARG C 62 -19.71 -1.21 16.82
C ARG C 62 -19.74 -1.68 15.37
N SER C 63 -18.80 -2.55 15.00
CA SER C 63 -18.68 -3.12 13.64
C SER C 63 -19.53 -4.40 13.57
N ASN C 64 -19.64 -4.97 12.37
CA ASN C 64 -20.28 -6.29 12.15
C ASN C 64 -19.21 -7.39 12.24
N CYS C 65 -18.06 -7.11 12.82
CA CYS C 65 -17.01 -8.13 13.07
C CYS C 65 -17.03 -8.56 14.53
N LYS C 66 -17.19 -9.86 14.82
CA LYS C 66 -17.13 -10.35 16.21
C LYS C 66 -15.64 -10.48 16.57
N LYS C 67 -15.31 -10.45 17.86
CA LYS C 67 -13.93 -10.57 18.38
C LYS C 67 -13.36 -11.95 18.01
N PRO C 68 -12.06 -12.22 17.73
CA PRO C 68 -10.88 -11.33 17.78
C PRO C 68 -10.23 -11.00 16.42
N LEU C 69 -11.00 -11.06 15.32
CA LEU C 69 -10.51 -10.81 13.93
C LEU C 69 -9.40 -11.79 13.50
N ASN C 70 -9.69 -13.09 13.65
CA ASN C 70 -8.78 -14.21 13.27
C ASN C 70 -9.23 -14.83 11.94
N ASN C 71 -10.41 -14.46 11.45
CA ASN C 71 -10.89 -14.97 10.13
C ASN C 71 -10.86 -13.78 9.14
N THR C 72 -10.36 -12.64 9.64
CA THR C 72 -10.13 -11.36 8.89
C THR C 72 -11.24 -11.00 7.91
N GLU C 73 -12.48 -10.89 8.38
CA GLU C 73 -13.62 -10.42 7.55
C GLU C 73 -13.48 -8.90 7.32
N ASN C 74 -14.06 -8.35 6.25
CA ASN C 74 -14.00 -6.89 5.97
C ASN C 74 -15.09 -6.22 6.82
N CYS C 75 -14.71 -5.42 7.82
CA CYS C 75 -15.64 -4.87 8.83
C CYS C 75 -16.31 -3.54 8.40
N ILE C 76 -17.62 -3.39 8.63
CA ILE C 76 -18.40 -2.14 8.42
C ILE C 76 -19.21 -1.85 9.68
N PRO C 77 -19.67 -0.61 9.87
CA PRO C 77 -20.55 -0.28 11.00
C PRO C 77 -21.81 -1.16 11.00
N GLN C 78 -22.29 -1.51 12.18
CA GLN C 78 -23.49 -2.40 12.28
C GLN C 78 -24.64 -1.80 11.45
N LYS C 79 -25.37 -2.63 10.70
CA LYS C 79 -26.58 -2.24 9.94
C LYS C 79 -27.84 -2.78 10.64
N LYS C 80 -27.70 -3.52 11.75
CA LYS C 80 -28.84 -4.02 12.56
C LYS C 80 -29.15 -2.98 13.63
N PRO C 81 -30.37 -2.37 13.61
CA PRO C 81 -30.69 -1.25 14.49
C PRO C 81 -30.36 -1.47 15.97
N GLU C 82 -30.59 -2.68 16.50
CA GLU C 82 -30.45 -2.91 17.97
C GLU C 82 -28.97 -3.06 18.34
N LEU C 83 -28.09 -3.25 17.36
CA LEU C 83 -26.62 -3.37 17.57
C LEU C 83 -25.88 -2.08 17.16
N GLU C 84 -26.54 -1.16 16.45
CA GLU C 84 -25.91 0.13 16.06
C GLU C 84 -25.47 0.84 17.35
N LYS C 85 -24.21 1.28 17.45
CA LYS C 85 -23.70 1.93 18.67
C LYS C 85 -22.51 2.79 18.29
N LYS C 86 -22.67 4.11 18.49
CA LYS C 86 -21.62 5.12 18.28
C LYS C 86 -21.22 5.66 19.65
N MET C 87 -19.94 5.85 19.87
CA MET C 87 -19.40 6.41 21.11
C MET C 87 -18.35 7.45 20.79
N SER C 88 -18.30 8.49 21.63
N SER C 88 -18.30 8.48 21.62
CA SER C 88 -17.20 9.47 21.68
CA SER C 88 -17.20 9.48 21.66
C SER C 88 -16.23 9.00 22.77
C SER C 88 -16.23 9.02 22.76
N CYS C 89 -14.97 8.76 22.41
CA CYS C 89 -13.94 8.29 23.36
C CYS C 89 -12.85 9.35 23.46
N SER C 90 -12.33 9.49 24.68
CA SER C 90 -11.05 10.18 24.94
C SER C 90 -10.02 9.13 25.41
N PHE C 91 -8.90 9.03 24.69
CA PHE C 91 -7.76 8.16 25.07
C PHE C 91 -6.56 9.05 25.43
N LEU C 92 -5.86 8.71 26.50
CA LEU C 92 -4.55 9.33 26.87
C LEU C 92 -3.48 8.29 26.63
N VAL C 93 -2.63 8.53 25.64
CA VAL C 93 -1.58 7.56 25.23
C VAL C 93 -0.22 8.17 25.54
N GLY C 94 0.51 7.50 26.41
CA GLY C 94 1.85 7.89 26.69
C GLY C 94 2.80 7.21 25.73
N ALA C 95 3.82 7.91 25.25
CA ALA C 95 4.71 7.36 24.25
C ALA C 95 6.09 8.00 24.12
N LEU C 96 7.02 7.21 23.58
CA LEU C 96 8.30 7.64 23.03
C LEU C 96 8.14 7.06 21.61
N PRO C 97 7.43 7.75 20.70
CA PRO C 97 7.05 7.19 19.40
C PRO C 97 8.22 6.89 18.48
N TRP C 98 9.37 7.52 18.73
CA TRP C 98 10.63 7.25 17.99
C TRP C 98 11.19 5.89 18.42
N ASN C 99 10.74 5.34 19.55
CA ASN C 99 11.26 4.04 20.08
C ASN C 99 10.19 2.95 19.94
N GLY C 100 9.03 3.27 19.34
CA GLY C 100 7.87 2.36 19.18
C GLY C 100 7.29 2.00 20.53
N GLU C 101 7.43 2.86 21.52
CA GLU C 101 6.94 2.56 22.87
C GLU C 101 5.66 3.38 23.11
N PHE C 102 4.51 2.73 23.34
CA PHE C 102 3.18 3.32 23.61
C PHE C 102 2.56 2.59 24.81
N ASN C 103 1.82 3.35 25.62
CA ASN C 103 1.12 2.88 26.84
C ASN C 103 -0.22 3.61 26.90
N LEU C 104 -1.31 2.88 27.09
CA LEU C 104 -2.66 3.49 27.21
C LEU C 104 -2.84 3.87 28.67
N LEU C 105 -2.79 5.17 28.97
CA LEU C 105 -2.81 5.68 30.36
C LEU C 105 -4.27 5.82 30.81
N SER C 106 -5.18 6.19 29.91
CA SER C 106 -6.59 6.39 30.30
C SER C 106 -7.49 6.16 29.09
N LYS C 107 -8.72 5.71 29.34
CA LYS C 107 -9.79 5.61 28.33
C LYS C 107 -11.10 6.10 28.96
N GLU C 108 -11.95 6.74 28.17
CA GLU C 108 -13.32 7.13 28.62
C GLU C 108 -14.19 7.25 27.37
N CYS C 109 -15.26 6.48 27.33
CA CYS C 109 -16.18 6.41 26.17
C CYS C 109 -17.58 6.70 26.64
N LYS C 110 -18.33 7.47 25.84
CA LYS C 110 -19.72 7.90 26.13
C LYS C 110 -20.55 7.65 24.87
N ASP C 111 -21.81 7.21 25.00
CA ASP C 111 -22.71 7.01 23.84
C ASP C 111 -22.97 8.36 23.17
N VAL C 112 -23.07 8.43 21.83
CA VAL C 112 -23.54 9.66 21.13
C VAL C 112 -24.59 9.24 20.09
N ASN D 3 7.56 11.44 -17.59
CA ASN D 3 8.47 10.60 -16.79
C ASN D 3 7.70 10.12 -15.55
N TYR D 4 8.37 9.47 -14.62
CA TYR D 4 7.71 8.83 -13.45
C TYR D 4 8.13 9.56 -12.18
N PHE D 5 8.58 10.82 -12.32
CA PHE D 5 8.90 11.69 -11.16
C PHE D 5 7.64 12.48 -10.84
N GLY D 6 7.23 12.51 -9.56
CA GLY D 6 6.11 13.36 -9.08
C GLY D 6 6.62 14.34 -8.03
N SER D 7 6.11 15.57 -7.96
CA SER D 7 6.59 16.55 -6.94
C SER D 7 6.28 15.97 -5.55
N ILE D 8 7.17 16.21 -4.58
CA ILE D 8 6.97 15.87 -3.15
C ILE D 8 7.29 17.12 -2.34
N ASN D 9 6.79 17.19 -1.12
CA ASN D 9 6.97 18.38 -0.25
C ASN D 9 8.44 18.39 0.20
N ILE D 10 9.12 19.54 0.14
CA ILE D 10 10.52 19.66 0.64
C ILE D 10 10.51 19.52 2.17
N SER D 11 9.35 19.67 2.80
CA SER D 11 9.14 19.51 4.27
C SER D 11 9.35 18.05 4.71
N ASN D 12 9.22 17.09 3.81
CA ASN D 12 9.30 15.62 4.10
C ASN D 12 10.65 15.29 4.75
N ALA D 13 10.66 14.62 5.91
CA ALA D 13 11.91 14.29 6.66
C ALA D 13 12.90 13.55 5.75
N ASN D 14 12.43 12.68 4.88
CA ASN D 14 13.32 11.92 3.97
C ASN D 14 13.95 12.81 2.90
N VAL D 15 13.25 13.85 2.43
CA VAL D 15 13.87 14.84 1.48
C VAL D 15 15.01 15.56 2.21
N LYS D 16 14.80 15.98 3.44
CA LYS D 16 15.85 16.69 4.22
C LYS D 16 17.02 15.74 4.45
N GLN D 17 16.78 14.46 4.79
CA GLN D 17 17.89 13.46 4.96
C GLN D 17 18.61 13.28 3.61
N ALA D 18 17.88 13.18 2.50
CA ALA D 18 18.45 13.04 1.15
C ALA D 18 19.37 14.25 0.85
N VAL D 19 18.98 15.47 1.18
CA VAL D 19 19.82 16.69 0.99
C VAL D 19 21.06 16.60 1.89
N TRP D 20 20.89 16.23 3.16
CA TRP D 20 22.02 16.03 4.11
C TRP D 20 23.02 15.04 3.49
N PHE D 21 22.52 13.92 2.98
CA PHE D 21 23.34 12.85 2.41
C PHE D 21 24.05 13.34 1.14
N ALA D 22 23.32 13.95 0.21
CA ALA D 22 23.89 14.47 -1.05
C ALA D 22 25.01 15.48 -0.73
N MET D 23 24.81 16.34 0.25
CA MET D 23 25.80 17.42 0.56
C MET D 23 27.04 16.81 1.21
N LYS D 24 26.87 15.79 2.07
N LYS D 24 26.87 15.79 2.07
CA LYS D 24 28.02 15.04 2.67
CA LYS D 24 28.02 15.04 2.67
C LYS D 24 28.86 14.49 1.51
C LYS D 24 28.86 14.48 1.51
N GLU D 25 28.22 13.85 0.53
CA GLU D 25 28.97 13.23 -0.61
C GLU D 25 29.54 14.33 -1.52
N TYR D 26 28.78 15.42 -1.77
CA TYR D 26 29.26 16.52 -2.62
C TYR D 26 30.58 17.07 -2.07
N ASN D 27 30.59 17.33 -0.76
CA ASN D 27 31.75 17.95 -0.07
C ASN D 27 32.94 16.99 -0.01
N LYS D 28 32.69 15.69 0.23
CA LYS D 28 33.75 14.65 0.24
C LYS D 28 34.41 14.60 -1.15
N GLU D 29 33.59 14.68 -2.20
CA GLU D 29 34.03 14.47 -3.60
C GLU D 29 34.65 15.74 -4.16
N SER D 30 34.39 16.90 -3.56
CA SER D 30 34.79 18.20 -4.14
C SER D 30 36.30 18.38 -4.03
N GLU D 31 36.92 19.11 -4.97
CA GLU D 31 38.35 19.47 -4.89
C GLU D 31 38.39 20.93 -4.44
N ASP D 32 37.75 21.26 -3.31
CA ASP D 32 37.71 22.64 -2.76
C ASP D 32 38.33 22.65 -1.35
N LYS D 33 38.94 23.76 -0.93
CA LYS D 33 39.48 23.91 0.45
C LYS D 33 38.30 24.09 1.42
N TYR D 34 37.16 24.59 0.91
CA TYR D 34 36.02 25.08 1.72
C TYR D 34 34.84 24.13 1.57
N VAL D 35 34.01 24.12 2.60
CA VAL D 35 32.73 23.39 2.65
C VAL D 35 31.69 24.23 1.91
N PHE D 36 30.91 23.60 1.04
CA PHE D 36 29.68 24.22 0.48
C PHE D 36 28.46 23.82 1.32
N LEU D 37 27.58 24.80 1.63
CA LEU D 37 26.36 24.51 2.41
C LEU D 37 25.14 25.03 1.64
N VAL D 38 23.97 24.62 2.11
CA VAL D 38 22.67 24.81 1.40
C VAL D 38 22.07 26.15 1.75
N ASP D 39 22.00 27.02 0.73
CA ASP D 39 21.30 28.32 0.78
C ASP D 39 19.78 28.03 0.84
N LYS D 40 19.31 27.16 -0.03
CA LYS D 40 17.87 26.90 -0.21
C LYS D 40 17.69 25.57 -0.90
N ILE D 41 16.70 24.80 -0.42
CA ILE D 41 16.19 23.63 -1.16
C ILE D 41 15.11 24.20 -2.08
N LEU D 42 15.28 24.03 -3.40
CA LEU D 42 14.43 24.72 -4.40
C LEU D 42 13.22 23.85 -4.77
N HIS D 43 13.43 22.55 -4.93
CA HIS D 43 12.36 21.63 -5.41
C HIS D 43 12.76 20.19 -5.14
N ALA D 44 11.77 19.31 -5.00
CA ALA D 44 11.99 17.86 -4.86
C ALA D 44 10.94 17.13 -5.67
N LYS D 45 11.38 16.08 -6.37
CA LYS D 45 10.46 15.09 -7.00
C LYS D 45 10.89 13.69 -6.56
N LEU D 46 9.92 12.78 -6.57
CA LEU D 46 10.14 11.38 -6.18
C LEU D 46 9.76 10.47 -7.35
N GLN D 47 10.63 9.53 -7.69
CA GLN D 47 10.31 8.42 -8.60
C GLN D 47 10.33 7.15 -7.76
N ILE D 48 9.27 6.35 -7.86
CA ILE D 48 9.15 5.07 -7.11
C ILE D 48 9.51 3.94 -8.07
N THR D 49 10.65 3.29 -7.87
CA THR D 49 11.02 2.05 -8.62
C THR D 49 11.36 0.97 -7.59
N ASP D 50 12.39 0.15 -7.83
CA ASP D 50 12.84 -0.85 -6.82
C ASP D 50 13.35 -0.08 -5.58
N ARG D 51 13.69 1.20 -5.74
N ARG D 51 13.66 1.21 -5.73
CA ARG D 51 14.03 2.09 -4.61
CA ARG D 51 14.03 2.08 -4.60
C ARG D 51 13.30 3.42 -4.78
C ARG D 51 13.31 3.43 -4.78
N MET D 52 13.37 4.28 -3.76
CA MET D 52 12.90 5.66 -3.86
C MET D 52 14.02 6.47 -4.48
N GLU D 53 13.71 7.30 -5.49
CA GLU D 53 14.69 8.23 -6.07
C GLU D 53 14.17 9.65 -5.89
N TYR D 54 14.88 10.46 -5.12
CA TYR D 54 14.59 11.88 -4.92
C TYR D 54 15.49 12.71 -5.83
N GLN D 55 14.89 13.49 -6.74
CA GLN D 55 15.56 14.44 -7.63
C GLN D 55 15.37 15.79 -6.94
N ILE D 56 16.45 16.31 -6.36
CA ILE D 56 16.39 17.51 -5.49
C ILE D 56 17.25 18.61 -6.11
N ASP D 57 16.65 19.79 -6.26
CA ASP D 57 17.32 21.02 -6.72
C ASP D 57 17.63 21.83 -5.48
N VAL D 58 18.88 22.24 -5.32
CA VAL D 58 19.36 23.03 -4.16
C VAL D 58 20.25 24.14 -4.71
N GLN D 59 20.20 25.27 -4.04
CA GLN D 59 21.21 26.33 -4.23
C GLN D 59 22.20 26.16 -3.10
N ILE D 60 23.47 26.07 -3.47
CA ILE D 60 24.58 25.95 -2.50
C ILE D 60 25.53 27.12 -2.70
N SER D 61 26.29 27.44 -1.66
CA SER D 61 27.32 28.48 -1.74
C SER D 61 28.56 28.02 -1.00
N ARG D 62 29.70 28.60 -1.36
CA ARG D 62 30.95 28.35 -0.61
C ARG D 62 30.83 29.05 0.73
N SER D 63 31.10 28.33 1.82
CA SER D 63 31.07 28.85 3.19
C SER D 63 32.45 29.39 3.56
N ASN D 64 32.54 30.02 4.73
CA ASN D 64 33.83 30.46 5.30
C ASN D 64 34.39 29.35 6.20
N CYS D 65 33.89 28.11 6.07
CA CYS D 65 34.42 26.96 6.84
C CYS D 65 35.33 26.11 5.93
N LYS D 66 36.57 25.94 6.38
CA LYS D 66 37.54 25.02 5.74
C LYS D 66 37.10 23.58 6.01
N LYS D 67 37.34 22.66 5.07
CA LYS D 67 36.97 21.22 5.23
C LYS D 67 38.00 20.54 6.16
N PRO D 68 37.78 19.38 6.82
CA PRO D 68 36.45 18.78 7.09
C PRO D 68 35.62 19.64 8.06
N LEU D 69 34.31 19.67 7.93
CA LEU D 69 33.41 20.42 8.84
C LEU D 69 33.76 20.13 10.31
N ASN D 70 34.18 21.15 11.06
CA ASN D 70 34.72 21.05 12.44
C ASN D 70 33.65 20.93 13.53
N ASN D 71 32.38 21.18 13.22
CA ASN D 71 31.16 21.25 14.09
C ASN D 71 31.05 22.50 14.97
N THR D 72 32.02 22.81 15.84
CA THR D 72 31.94 23.94 16.81
C THR D 72 31.86 25.32 16.13
N GLU D 73 32.49 25.50 14.97
CA GLU D 73 32.59 26.76 14.19
C GLU D 73 31.23 27.21 13.60
N ASN D 74 31.08 28.50 13.37
CA ASN D 74 29.86 29.12 12.75
C ASN D 74 30.09 29.29 11.26
N CYS D 75 29.38 28.56 10.41
CA CYS D 75 29.62 28.67 8.96
C CYS D 75 28.59 29.62 8.29
N ILE D 76 29.04 30.60 7.52
CA ILE D 76 28.21 31.57 6.76
C ILE D 76 28.77 31.62 5.33
N PRO D 77 27.97 32.10 4.36
CA PRO D 77 28.45 32.31 2.99
C PRO D 77 29.70 33.18 2.96
N GLN D 78 30.61 32.88 2.03
CA GLN D 78 31.85 33.68 1.87
C GLN D 78 31.47 35.14 1.68
N LYS D 79 32.17 36.08 2.34
CA LYS D 79 31.99 37.54 2.13
C LYS D 79 33.16 38.11 1.31
N LYS D 80 34.19 37.30 1.03
CA LYS D 80 35.41 37.73 0.29
C LYS D 80 35.18 37.52 -1.20
N PRO D 81 35.18 38.60 -2.01
CA PRO D 81 34.75 38.53 -3.41
C PRO D 81 35.39 37.41 -4.25
N GLU D 82 36.67 37.12 -4.05
CA GLU D 82 37.41 36.16 -4.90
C GLU D 82 37.00 34.72 -4.52
N LEU D 83 36.40 34.52 -3.34
CA LEU D 83 35.96 33.18 -2.86
C LEU D 83 34.42 33.03 -2.93
N GLU D 84 33.68 34.11 -3.18
CA GLU D 84 32.19 34.04 -3.29
C GLU D 84 31.86 33.07 -4.43
N LYS D 85 30.98 32.08 -4.19
CA LYS D 85 30.60 31.13 -5.24
C LYS D 85 29.24 30.52 -4.89
N LYS D 86 28.25 30.80 -5.74
CA LYS D 86 26.86 30.26 -5.62
C LYS D 86 26.62 29.31 -6.79
N MET D 87 26.00 28.17 -6.55
CA MET D 87 25.71 27.17 -7.59
C MET D 87 24.29 26.63 -7.42
N SER D 88 23.69 26.30 -8.55
CA SER D 88 22.41 25.58 -8.63
C SER D 88 22.75 24.12 -8.92
N CYS D 89 22.37 23.22 -8.03
CA CYS D 89 22.73 21.78 -8.12
C CYS D 89 21.46 20.95 -8.25
N SER D 90 21.52 19.93 -9.10
CA SER D 90 20.50 18.86 -9.12
C SER D 90 21.16 17.55 -8.66
N PHE D 91 20.61 16.94 -7.62
CA PHE D 91 21.10 15.67 -7.04
C PHE D 91 20.00 14.62 -7.22
N LEU D 92 20.41 13.40 -7.58
CA LEU D 92 19.52 12.23 -7.64
C LEU D 92 19.98 11.30 -6.53
N VAL D 93 19.15 11.15 -5.50
CA VAL D 93 19.49 10.33 -4.32
C VAL D 93 18.54 9.12 -4.32
N GLY D 94 19.13 7.94 -4.40
CA GLY D 94 18.42 6.67 -4.23
C GLY D 94 18.33 6.36 -2.76
N ALA D 95 17.21 5.78 -2.32
CA ALA D 95 16.99 5.42 -0.91
C ALA D 95 16.01 4.29 -0.74
N LEU D 96 16.21 3.54 0.33
CA LEU D 96 15.17 2.80 1.07
C LEU D 96 15.18 3.43 2.45
N PRO D 97 14.50 4.59 2.60
CA PRO D 97 14.73 5.45 3.76
C PRO D 97 14.26 4.77 5.06
N TRP D 98 13.32 3.85 4.93
CA TRP D 98 12.81 3.05 6.08
C TRP D 98 13.92 2.13 6.58
N ASN D 99 14.95 1.85 5.80
CA ASN D 99 16.08 0.99 6.17
C ASN D 99 17.33 1.83 6.42
N GLY D 100 17.23 3.16 6.49
CA GLY D 100 18.38 4.07 6.65
C GLY D 100 19.31 4.03 5.46
N GLU D 101 18.87 3.63 4.25
CA GLU D 101 19.79 3.46 3.08
C GLU D 101 19.59 4.62 2.12
N PHE D 102 20.63 5.43 1.92
CA PHE D 102 20.71 6.51 0.91
C PHE D 102 22.02 6.36 0.13
N ASN D 103 21.93 6.66 -1.16
CA ASN D 103 23.04 6.57 -2.14
C ASN D 103 22.91 7.75 -3.12
N LEU D 104 23.99 8.46 -3.41
CA LEU D 104 24.00 9.54 -4.41
C LEU D 104 24.19 8.91 -5.79
N LEU D 105 23.16 8.95 -6.61
CA LEU D 105 23.20 8.36 -7.98
C LEU D 105 23.82 9.36 -8.95
N SER D 106 23.55 10.65 -8.80
CA SER D 106 23.95 11.65 -9.83
C SER D 106 24.02 13.03 -9.21
N LYS D 107 24.96 13.84 -9.68
CA LYS D 107 25.11 15.26 -9.25
C LYS D 107 25.37 16.11 -10.48
N GLU D 108 24.85 17.33 -10.48
CA GLU D 108 25.17 18.32 -11.55
C GLU D 108 25.02 19.71 -10.93
N CYS D 109 26.07 20.49 -10.98
CA CYS D 109 26.10 21.85 -10.38
C CYS D 109 26.53 22.84 -11.46
N LYS D 110 25.87 24.00 -11.48
CA LYS D 110 26.18 25.10 -12.41
C LYS D 110 26.33 26.38 -11.58
N ASP D 111 27.27 27.25 -11.94
CA ASP D 111 27.48 28.54 -11.26
C ASP D 111 26.24 29.41 -11.47
N VAL D 112 25.87 30.19 -10.45
CA VAL D 112 24.84 31.27 -10.50
C VAL D 112 25.27 32.42 -9.56
#